data_7XNF
#
_entry.id   7XNF
#
_cell.length_a   55.722
_cell.length_b   85.440
_cell.length_c   183.739
_cell.angle_alpha   90.000
_cell.angle_beta   90.000
_cell.angle_gamma   90.000
#
_symmetry.space_group_name_H-M   'P 21 21 21'
#
loop_
_entity.id
_entity.type
_entity.pdbx_description
1 polymer 'P2C-1F11 Heavy Chain'
2 polymer 'P2C-1F11 Lambda chain'
3 polymer 'Spike protein S1'
4 water water
#
loop_
_entity_poly.entity_id
_entity_poly.type
_entity_poly.pdbx_seq_one_letter_code
_entity_poly.pdbx_strand_id
1 'polypeptide(L)'
;EVQLVESGGGLVQPGGSLRLSCAASGITVSSNYMNWVRQAPGKGLEWVSLIYSGGSTYYADSVKGRFTISRDNSKNTLYL
QMNSLRAEDTAVYHCARDLVVYGMDVWGQGTTVTVSSASTKGPSVFPLAPSSKSTSGGTAALGCLVKDYFPEPVTVSWNS
GALTSGVHTFPAVLQSSGLYSLSSVVTVPSSSLGTQTYICNVNHKPSNTKVDKRVEPKSCDKTHTCP
;
H
2 'polypeptide(L)'
;EIVLTQSPGTLSLSPGERATLSCRASQSVSSSYLAWYQQKPGQAPRLLIYGASSRATGIPDRFSGSGSGTDFTLTISRLE
PEDFAVYYCQQYGSSPTFGQGTKLEIKRTVAAPSVFIFPPSDEQLKSGTASVVCLLNNFYPREAKVQWKVDNALQSGNSQ
ESVTEQDSKDSTYSLSSTLTLSKADYEKHKVYACEVTHQGLSSPVTKSFNRGECS
;
L
3 'polypeptide(L)'
;RVQPTISIVRFPNITNLCPFGEVFNASKFASVYAWNRKRISNCVADYSVLYNSTSFSTFKCYGVSPTKLNDLCFTNVYAD
SFVVKGDEVRQIAPGQTGVIADYNYKLPDDFTGCVIAWNSVKQDALTGGNYGYLYRLFRKSKLKPFERDISTEIYQAGST
PCNGQVGLNCYYPLERYGFHPTTGVNYQPFRVVVLSFELLNGPATVCGPHHHHHH
;
A
#
# COMPACT_ATOMS: atom_id res chain seq x y z
N GLU A 1 15.80 18.93 4.72
CA GLU A 1 16.74 17.99 5.31
C GLU A 1 16.03 16.70 5.72
N VAL A 2 14.82 16.84 6.27
CA VAL A 2 14.04 15.68 6.70
C VAL A 2 13.55 14.96 5.45
N GLN A 3 14.15 13.81 5.13
CA GLN A 3 13.85 13.11 3.90
C GLN A 3 14.29 11.66 4.03
N LEU A 4 13.59 10.79 3.30
CA LEU A 4 13.92 9.37 3.24
C LEU A 4 14.14 8.98 1.79
N VAL A 5 15.26 8.30 1.52
CA VAL A 5 15.63 7.88 0.17
C VAL A 5 15.82 6.37 0.16
N GLU A 6 15.17 5.71 -0.79
CA GLU A 6 15.26 4.26 -0.92
C GLU A 6 16.15 3.89 -2.10
N SER A 7 16.86 2.77 -1.96
CA SER A 7 17.75 2.29 -3.00
C SER A 7 17.98 0.79 -2.79
N GLY A 8 18.56 0.17 -3.81
CA GLY A 8 18.88 -1.24 -3.76
C GLY A 8 17.92 -2.15 -4.50
N GLY A 9 16.82 -1.62 -5.03
CA GLY A 9 15.89 -2.44 -5.77
C GLY A 9 16.44 -2.84 -7.14
N GLY A 10 15.96 -3.97 -7.64
CA GLY A 10 16.41 -4.48 -8.92
C GLY A 10 15.66 -5.70 -9.40
N LEU A 11 16.32 -6.51 -10.23
CA LEU A 11 15.72 -7.72 -10.80
C LEU A 11 16.27 -8.95 -10.08
N VAL A 12 15.37 -9.80 -9.59
CA VAL A 12 15.76 -11.00 -8.85
C VAL A 12 14.89 -12.16 -9.30
N GLN A 13 15.52 -13.30 -9.58
CA GLN A 13 14.78 -14.49 -9.99
C GLN A 13 13.97 -15.03 -8.81
N PRO A 14 12.88 -15.74 -9.08
CA PRO A 14 12.05 -16.27 -7.99
C PRO A 14 12.85 -17.19 -7.07
N GLY A 15 12.59 -17.07 -5.78
CA GLY A 15 13.33 -17.80 -4.77
C GLY A 15 14.66 -17.18 -4.39
N GLY A 16 15.01 -16.02 -4.96
CA GLY A 16 16.28 -15.38 -4.69
C GLY A 16 16.23 -14.48 -3.47
N SER A 17 17.28 -13.67 -3.33
CA SER A 17 17.44 -12.77 -2.19
C SER A 17 17.82 -11.38 -2.68
N LEU A 18 17.41 -10.37 -1.91
CA LEU A 18 17.75 -8.99 -2.21
C LEU A 18 17.62 -8.18 -0.92
N ARG A 19 18.46 -7.15 -0.82
CA ARG A 19 18.47 -6.26 0.33
C ARG A 19 18.25 -4.83 -0.11
N LEU A 20 17.39 -4.11 0.62
CA LEU A 20 17.04 -2.73 0.31
C LEU A 20 17.67 -1.79 1.32
N SER A 21 17.95 -0.57 0.86
CA SER A 21 18.59 0.45 1.68
C SER A 21 17.70 1.68 1.73
N CYS A 22 17.49 2.22 2.94
CA CYS A 22 16.69 3.42 3.17
C CYS A 22 17.55 4.41 3.95
N ALA A 23 18.30 5.25 3.23
CA ALA A 23 19.10 6.28 3.89
C ALA A 23 18.19 7.39 4.41
N ALA A 24 18.47 7.84 5.63
CA ALA A 24 17.65 8.84 6.29
C ALA A 24 18.49 10.05 6.66
N SER A 25 17.91 11.24 6.46
CA SER A 25 18.55 12.50 6.82
C SER A 25 17.55 13.34 7.59
N GLY A 26 18.05 14.06 8.60
CA GLY A 26 17.20 14.91 9.40
C GLY A 26 16.56 14.17 10.56
N ILE A 27 16.25 12.89 10.35
CA ILE A 27 15.66 12.07 11.39
C ILE A 27 16.60 10.90 11.68
N THR A 28 16.51 10.39 12.91
CA THR A 28 17.34 9.27 13.34
C THR A 28 16.55 7.97 13.20
N VAL A 29 17.14 7.01 12.50
CA VAL A 29 16.46 5.74 12.27
C VAL A 29 16.28 4.98 13.57
N SER A 30 17.32 4.93 14.41
CA SER A 30 17.27 4.15 15.64
C SER A 30 16.28 4.70 16.65
N SER A 31 15.93 5.99 16.55
CA SER A 31 15.04 6.61 17.51
C SER A 31 13.57 6.60 17.09
N ASN A 32 13.25 6.03 15.93
CA ASN A 32 11.90 6.08 15.40
C ASN A 32 11.43 4.68 15.02
N TYR A 33 10.11 4.51 15.02
CA TYR A 33 9.51 3.31 14.46
C TYR A 33 9.62 3.37 12.94
N MET A 34 10.33 2.41 12.36
CA MET A 34 10.55 2.38 10.92
C MET A 34 9.68 1.30 10.29
N ASN A 35 9.03 1.63 9.18
CA ASN A 35 8.13 0.72 8.50
C ASN A 35 8.52 0.62 7.03
N TRP A 36 8.30 -0.56 6.46
CA TRP A 36 8.43 -0.78 5.03
C TRP A 36 7.03 -1.06 4.47
N VAL A 37 6.58 -0.23 3.54
CA VAL A 37 5.28 -0.39 2.90
C VAL A 37 5.50 -0.46 1.40
N ARG A 38 5.04 -1.55 0.79
CA ARG A 38 5.20 -1.76 -0.63
C ARG A 38 3.86 -1.66 -1.35
N GLN A 39 3.94 -1.53 -2.67
CA GLN A 39 2.76 -1.33 -3.51
C GLN A 39 2.95 -2.13 -4.79
N ALA A 40 2.14 -3.18 -4.95
CA ALA A 40 2.17 -3.96 -6.18
C ALA A 40 1.67 -3.12 -7.34
N PRO A 41 2.14 -3.39 -8.57
CA PRO A 41 1.70 -2.60 -9.73
C PRO A 41 0.20 -2.67 -9.90
N GLY A 42 -0.45 -1.51 -9.77
CA GLY A 42 -1.90 -1.42 -9.86
C GLY A 42 -2.65 -1.80 -8.61
N LYS A 43 -1.95 -2.11 -7.51
CA LYS A 43 -2.58 -2.51 -6.26
C LYS A 43 -2.35 -1.44 -5.20
N GLY A 44 -2.84 -1.71 -4.00
CA GLY A 44 -2.77 -0.77 -2.90
C GLY A 44 -1.53 -0.98 -2.03
N LEU A 45 -1.45 -0.14 -1.00
CA LEU A 45 -0.31 -0.20 -0.08
C LEU A 45 -0.42 -1.43 0.82
N GLU A 46 0.70 -2.15 0.95
CA GLU A 46 0.77 -3.33 1.80
C GLU A 46 1.95 -3.18 2.76
N TRP A 47 1.67 -3.21 4.06
CA TRP A 47 2.73 -3.14 5.05
C TRP A 47 3.56 -4.42 5.01
N VAL A 48 4.86 -4.28 5.27
CA VAL A 48 5.77 -5.40 5.15
C VAL A 48 6.44 -5.70 6.48
N SER A 49 7.19 -4.74 7.02
CA SER A 49 7.98 -4.96 8.21
C SER A 49 7.96 -3.72 9.09
N LEU A 50 8.27 -3.92 10.37
CA LEU A 50 8.31 -2.85 11.35
C LEU A 50 9.40 -3.14 12.37
N ILE A 51 10.26 -2.16 12.63
CA ILE A 51 11.30 -2.28 13.63
C ILE A 51 11.07 -1.20 14.69
N TYR A 52 11.12 -1.61 15.96
CA TYR A 52 10.95 -0.68 17.06
C TYR A 52 12.24 0.09 17.30
N SER A 53 12.12 1.16 18.09
CA SER A 53 13.31 1.89 18.53
C SER A 53 14.20 1.02 19.41
N GLY A 54 13.60 0.13 20.20
CA GLY A 54 14.33 -0.77 21.06
C GLY A 54 14.86 -2.03 20.40
N GLY A 55 14.65 -2.20 19.10
CA GLY A 55 15.17 -3.33 18.36
C GLY A 55 14.16 -4.39 18.01
N SER A 56 12.96 -4.35 18.58
CA SER A 56 11.94 -5.34 18.25
C SER A 56 11.52 -5.21 16.79
N THR A 57 11.38 -6.34 16.11
CA THR A 57 11.04 -6.39 14.70
C THR A 57 9.72 -7.13 14.52
N TYR A 58 8.81 -6.54 13.72
CA TYR A 58 7.52 -7.12 13.43
C TYR A 58 7.40 -7.37 11.93
N TYR A 59 6.69 -8.44 11.57
CA TYR A 59 6.53 -8.82 10.17
C TYR A 59 5.11 -9.32 9.94
N ALA A 60 4.66 -9.22 8.69
CA ALA A 60 3.34 -9.70 8.31
C ALA A 60 3.37 -11.21 8.07
N ASP A 61 2.19 -11.81 8.06
CA ASP A 61 2.09 -13.26 7.89
C ASP A 61 2.64 -13.70 6.54
N SER A 62 2.35 -12.93 5.48
CA SER A 62 2.82 -13.28 4.14
C SER A 62 4.33 -13.16 3.99
N VAL A 63 5.02 -12.52 4.93
CA VAL A 63 6.46 -12.31 4.84
C VAL A 63 7.21 -12.93 6.01
N LYS A 64 6.51 -13.70 6.85
CA LYS A 64 7.16 -14.33 8.00
C LYS A 64 8.18 -15.36 7.54
N GLY A 65 9.33 -15.38 8.23
CA GLY A 65 10.38 -16.32 7.92
C GLY A 65 11.13 -16.05 6.64
N ARG A 66 10.81 -14.95 5.95
CA ARG A 66 11.45 -14.60 4.68
C ARG A 66 12.12 -13.25 4.71
N PHE A 67 11.52 -12.27 5.38
CA PHE A 67 11.99 -10.89 5.37
C PHE A 67 12.59 -10.54 6.72
N THR A 68 13.69 -9.79 6.72
CA THR A 68 14.31 -9.31 7.93
C THR A 68 14.71 -7.85 7.77
N ILE A 69 14.45 -7.04 8.79
CA ILE A 69 14.69 -5.61 8.75
C ILE A 69 15.74 -5.25 9.81
N SER A 70 16.76 -4.52 9.39
CA SER A 70 17.81 -4.08 10.30
C SER A 70 18.11 -2.60 10.07
N ARG A 71 19.15 -2.09 10.75
CA ARG A 71 19.52 -0.69 10.62
C ARG A 71 20.99 -0.53 10.95
N ASP A 72 21.52 0.65 10.64
CA ASP A 72 22.93 0.98 10.88
C ASP A 72 22.98 2.33 11.57
N ASN A 73 23.45 2.34 12.83
CA ASN A 73 23.60 3.61 13.54
C ASN A 73 24.67 4.48 12.90
N SER A 74 25.80 3.88 12.51
CA SER A 74 26.90 4.66 11.94
C SER A 74 26.56 5.25 10.58
N LYS A 75 25.56 4.71 9.89
CA LYS A 75 25.20 5.18 8.56
C LYS A 75 23.81 5.82 8.50
N ASN A 76 23.01 5.70 9.56
CA ASN A 76 21.64 6.21 9.57
C ASN A 76 20.86 5.68 8.37
N THR A 77 21.03 4.40 8.09
CA THR A 77 20.40 3.75 6.95
C THR A 77 19.57 2.57 7.43
N LEU A 78 18.36 2.46 6.93
CA LEU A 78 17.45 1.37 7.25
C LEU A 78 17.57 0.28 6.20
N TYR A 79 17.70 -0.97 6.64
CA TYR A 79 17.90 -2.10 5.76
C TYR A 79 16.72 -3.05 5.85
N LEU A 80 16.50 -3.80 4.78
CA LEU A 80 15.46 -4.83 4.75
C LEU A 80 15.98 -5.99 3.89
N GLN A 81 16.38 -7.07 4.54
CA GLN A 81 16.86 -8.26 3.85
C GLN A 81 15.67 -9.14 3.49
N MET A 82 15.57 -9.50 2.21
CA MET A 82 14.44 -10.26 1.69
C MET A 82 14.94 -11.60 1.17
N ASN A 83 14.25 -12.68 1.54
CA ASN A 83 14.62 -14.02 1.13
C ASN A 83 13.39 -14.74 0.60
N SER A 84 13.63 -15.73 -0.26
CA SER A 84 12.58 -16.55 -0.87
C SER A 84 11.53 -15.67 -1.55
N LEU A 85 12.01 -14.91 -2.54
CA LEU A 85 11.17 -13.92 -3.21
C LEU A 85 10.26 -14.59 -4.23
N ARG A 86 8.96 -14.57 -3.95
CA ARG A 86 7.96 -15.10 -4.86
C ARG A 86 7.44 -13.99 -5.76
N ALA A 87 6.55 -14.34 -6.69
CA ALA A 87 5.98 -13.36 -7.60
C ALA A 87 5.15 -12.31 -6.86
N GLU A 88 4.69 -12.63 -5.65
CA GLU A 88 3.95 -11.66 -4.85
C GLU A 88 4.78 -10.42 -4.52
N ASP A 89 6.11 -10.54 -4.52
CA ASP A 89 6.99 -9.49 -4.03
C ASP A 89 7.35 -8.47 -5.12
N THR A 90 6.82 -8.62 -6.33
CA THR A 90 7.04 -7.62 -7.38
C THR A 90 6.26 -6.37 -7.01
N ALA A 91 6.96 -5.38 -6.46
CA ALA A 91 6.31 -4.16 -5.99
C ALA A 91 7.37 -3.08 -5.80
N VAL A 92 6.89 -1.86 -5.56
CA VAL A 92 7.75 -0.72 -5.24
C VAL A 92 7.73 -0.54 -3.73
N TYR A 93 8.91 -0.53 -3.11
CA TYR A 93 9.05 -0.57 -1.66
C TYR A 93 9.40 0.82 -1.14
N HIS A 94 8.62 1.30 -0.18
CA HIS A 94 8.85 2.57 0.48
C HIS A 94 9.18 2.36 1.94
N CYS A 95 9.98 3.27 2.50
CA CYS A 95 10.26 3.30 3.93
C CYS A 95 9.66 4.58 4.51
N ALA A 96 8.96 4.45 5.64
CA ALA A 96 8.25 5.56 6.23
C ALA A 96 8.51 5.63 7.73
N ARG A 97 8.53 6.85 8.25
CA ARG A 97 8.63 7.06 9.69
C ARG A 97 7.27 6.89 10.32
N ASP A 98 7.19 6.07 11.37
CA ASP A 98 5.92 5.70 12.00
C ASP A 98 5.82 6.37 13.36
N LEU A 99 4.98 7.40 13.44
CA LEU A 99 4.47 7.88 14.72
C LEU A 99 3.19 7.11 14.99
N VAL A 100 3.20 6.26 16.02
CA VAL A 100 2.14 5.27 16.20
C VAL A 100 0.77 5.95 16.27
N VAL A 101 0.58 6.80 17.27
CA VAL A 101 -0.70 7.50 17.40
C VAL A 101 -0.87 8.53 16.28
N TYR A 102 0.22 9.20 15.90
CA TYR A 102 0.16 10.33 14.99
C TYR A 102 0.29 9.94 13.52
N GLY A 103 0.36 8.64 13.20
CA GLY A 103 0.41 8.21 11.82
C GLY A 103 1.79 8.31 11.21
N MET A 104 1.88 7.90 9.95
CA MET A 104 3.14 7.95 9.21
C MET A 104 3.18 9.24 8.39
N ASP A 105 4.09 10.15 8.78
CA ASP A 105 4.13 11.48 8.19
C ASP A 105 5.17 11.63 7.10
N VAL A 106 6.29 10.92 7.17
CA VAL A 106 7.39 11.05 6.22
C VAL A 106 7.44 9.80 5.36
N TRP A 107 7.39 9.98 4.04
CA TRP A 107 7.42 8.88 3.09
C TRP A 107 8.46 9.17 2.01
N GLY A 108 9.12 8.10 1.54
CA GLY A 108 10.07 8.19 0.46
C GLY A 108 9.49 7.76 -0.88
N GLN A 109 10.16 8.16 -1.95
CA GLN A 109 9.68 7.83 -3.29
C GLN A 109 9.76 6.34 -3.57
N GLY A 110 10.68 5.64 -2.90
CA GLY A 110 10.75 4.20 -2.97
C GLY A 110 11.64 3.70 -4.10
N THR A 111 11.83 2.38 -4.10
CA THR A 111 12.61 1.69 -5.12
C THR A 111 11.79 0.51 -5.63
N THR A 112 12.11 0.06 -6.85
CA THR A 112 11.33 -0.95 -7.54
C THR A 112 11.99 -2.32 -7.42
N VAL A 113 11.18 -3.34 -7.11
CA VAL A 113 11.63 -4.72 -7.02
C VAL A 113 10.74 -5.57 -7.93
N THR A 114 11.36 -6.35 -8.80
CA THR A 114 10.65 -7.23 -9.72
C THR A 114 11.15 -8.65 -9.55
N VAL A 115 10.22 -9.60 -9.42
CA VAL A 115 10.53 -11.01 -9.26
C VAL A 115 10.01 -11.74 -10.49
N SER A 116 10.94 -12.21 -11.34
CA SER A 116 10.57 -12.91 -12.57
C SER A 116 11.79 -13.67 -13.08
N SER A 117 11.54 -14.87 -13.62
CA SER A 117 12.62 -15.67 -14.19
C SER A 117 13.04 -15.22 -15.58
N ALA A 118 12.23 -14.39 -16.24
CA ALA A 118 12.50 -14.00 -17.62
C ALA A 118 13.76 -13.13 -17.70
N SER A 119 14.47 -13.27 -18.81
CA SER A 119 15.66 -12.49 -19.09
C SER A 119 15.32 -11.32 -20.00
N THR A 120 16.27 -10.38 -20.11
CA THR A 120 16.06 -9.20 -20.94
C THR A 120 15.88 -9.60 -22.40
N LYS A 121 14.85 -9.05 -23.04
CA LYS A 121 14.54 -9.34 -24.44
C LYS A 121 14.08 -8.07 -25.12
N GLY A 122 14.30 -8.02 -26.44
CA GLY A 122 13.90 -6.88 -27.23
C GLY A 122 12.44 -6.96 -27.66
N PRO A 123 11.74 -5.83 -27.61
CA PRO A 123 10.34 -5.82 -28.02
C PRO A 123 10.19 -6.06 -29.52
N SER A 124 9.05 -6.63 -29.89
CA SER A 124 8.65 -6.79 -31.28
C SER A 124 7.53 -5.80 -31.57
N VAL A 125 7.68 -5.02 -32.63
CA VAL A 125 6.74 -3.96 -32.99
C VAL A 125 5.94 -4.42 -34.21
N PHE A 126 4.62 -4.43 -34.08
CA PHE A 126 3.74 -4.82 -35.16
C PHE A 126 2.74 -3.71 -35.43
N PRO A 127 2.65 -3.20 -36.65
CA PRO A 127 1.73 -2.10 -36.92
C PRO A 127 0.27 -2.53 -36.80
N LEU A 128 -0.56 -1.59 -36.37
CA LEU A 128 -2.01 -1.75 -36.33
C LEU A 128 -2.58 -0.84 -37.42
N ALA A 129 -2.61 -1.37 -38.65
CA ALA A 129 -2.99 -0.56 -39.78
C ALA A 129 -4.48 -0.26 -39.77
N PRO A 130 -4.89 0.93 -40.21
CA PRO A 130 -6.33 1.21 -40.36
C PRO A 130 -6.91 0.54 -41.59
N SER A 131 -8.24 0.48 -41.61
CA SER A 131 -8.97 -0.13 -42.72
C SER A 131 -10.05 0.83 -43.20
N SER A 132 -10.34 0.76 -44.50
CA SER A 132 -11.36 1.61 -45.11
C SER A 132 -12.76 1.06 -44.85
N GLY A 137 -13.68 10.98 -45.27
CA GLY A 137 -14.28 11.96 -44.38
C GLY A 137 -14.67 11.38 -43.03
N GLY A 138 -13.74 11.41 -42.08
CA GLY A 138 -14.01 10.87 -40.76
C GLY A 138 -12.74 10.72 -39.97
N THR A 139 -12.83 9.96 -38.89
CA THR A 139 -11.71 9.71 -37.99
C THR A 139 -11.31 8.23 -38.06
N ALA A 140 -10.03 7.98 -38.26
CA ALA A 140 -9.48 6.64 -38.34
C ALA A 140 -8.50 6.40 -37.20
N ALA A 141 -8.31 5.13 -36.87
CA ALA A 141 -7.44 4.72 -35.77
C ALA A 141 -6.33 3.81 -36.27
N LEU A 142 -5.11 4.09 -35.82
CA LEU A 142 -3.95 3.27 -36.16
C LEU A 142 -3.00 3.28 -34.97
N GLY A 143 -2.05 2.36 -35.00
CA GLY A 143 -1.09 2.28 -33.91
C GLY A 143 -0.08 1.18 -34.12
N CYS A 144 0.69 0.92 -33.05
CA CYS A 144 1.73 -0.09 -33.04
C CYS A 144 1.51 -1.03 -31.86
N LEU A 145 1.95 -2.28 -32.02
CA LEU A 145 1.84 -3.30 -30.99
C LEU A 145 3.24 -3.64 -30.49
N VAL A 146 3.55 -3.26 -29.26
CA VAL A 146 4.83 -3.55 -28.63
C VAL A 146 4.63 -4.81 -27.78
N LYS A 147 5.08 -5.94 -28.31
CA LYS A 147 4.76 -7.24 -27.74
C LYS A 147 6.03 -7.99 -27.35
N ASP A 148 5.92 -8.77 -26.27
CA ASP A 148 6.93 -9.73 -25.84
C ASP A 148 8.28 -9.04 -25.58
N TYR A 149 8.29 -8.19 -24.56
CA TYR A 149 9.50 -7.53 -24.11
C TYR A 149 9.63 -7.64 -22.60
N PHE A 150 10.85 -7.47 -22.11
CA PHE A 150 11.17 -7.55 -20.69
C PHE A 150 12.54 -6.94 -20.49
N PRO A 151 12.76 -6.14 -19.42
CA PRO A 151 11.73 -5.72 -18.47
C PRO A 151 11.20 -4.31 -18.78
N GLU A 152 10.42 -3.77 -17.85
CA GLU A 152 9.93 -2.41 -17.99
C GLU A 152 11.08 -1.42 -17.88
N PRO A 153 10.95 -0.22 -18.47
CA PRO A 153 9.82 0.27 -19.27
C PRO A 153 10.15 0.40 -20.76
N VAL A 154 9.15 0.82 -21.55
CA VAL A 154 9.34 1.17 -22.95
C VAL A 154 8.69 2.53 -23.20
N THR A 155 9.37 3.36 -23.98
CA THR A 155 8.88 4.69 -24.33
C THR A 155 8.45 4.70 -25.79
N VAL A 156 7.24 5.18 -26.04
CA VAL A 156 6.66 5.21 -27.39
C VAL A 156 6.35 6.66 -27.75
N SER A 157 6.80 7.07 -28.94
CA SER A 157 6.53 8.40 -29.47
C SER A 157 6.10 8.27 -30.92
N TRP A 158 5.34 9.25 -31.39
CA TRP A 158 4.80 9.25 -32.75
C TRP A 158 5.39 10.41 -33.52
N ASN A 159 5.94 10.09 -34.70
CA ASN A 159 6.54 11.09 -35.60
C ASN A 159 7.63 11.90 -34.89
N SER A 160 8.42 11.22 -34.07
CA SER A 160 9.50 11.85 -33.30
C SER A 160 8.98 12.99 -32.42
N GLY A 161 7.80 12.79 -31.86
CA GLY A 161 7.19 13.77 -30.98
C GLY A 161 6.37 14.84 -31.67
N ALA A 162 6.35 14.86 -33.00
CA ALA A 162 5.55 15.86 -33.71
C ALA A 162 4.06 15.66 -33.47
N LEU A 163 3.61 14.40 -33.48
CA LEU A 163 2.21 14.08 -33.28
C LEU A 163 1.98 13.65 -31.84
N THR A 164 1.17 14.42 -31.12
CA THR A 164 0.88 14.11 -29.72
C THR A 164 -0.62 14.04 -29.47
N SER A 165 -1.38 14.89 -30.16
CA SER A 165 -2.83 14.93 -29.96
C SER A 165 -3.47 13.63 -30.44
N GLY A 166 -4.37 13.09 -29.63
CA GLY A 166 -5.05 11.85 -29.96
C GLY A 166 -4.26 10.59 -29.67
N VAL A 167 -3.04 10.71 -29.14
CA VAL A 167 -2.21 9.55 -28.88
C VAL A 167 -2.60 8.93 -27.54
N HIS A 168 -2.83 7.62 -27.54
CA HIS A 168 -3.16 6.87 -26.33
C HIS A 168 -2.16 5.73 -26.19
N THR A 169 -1.25 5.86 -25.21
CA THR A 169 -0.29 4.81 -24.89
C THR A 169 -0.78 4.08 -23.66
N PHE A 170 -1.15 2.81 -23.82
CA PHE A 170 -1.76 2.06 -22.74
C PHE A 170 -0.69 1.52 -21.78
N PRO A 171 -1.05 1.33 -20.51
CA PRO A 171 -0.11 0.68 -19.58
C PRO A 171 0.17 -0.75 -20.01
N ALA A 172 1.39 -1.21 -19.72
CA ALA A 172 1.79 -2.56 -20.08
C ALA A 172 1.09 -3.58 -19.21
N VAL A 173 0.94 -4.79 -19.73
CA VAL A 173 0.38 -5.92 -19.02
C VAL A 173 1.36 -7.09 -19.09
N LEU A 174 1.62 -7.72 -17.96
CA LEU A 174 2.50 -8.88 -17.92
C LEU A 174 1.74 -10.10 -18.43
N GLN A 175 2.25 -10.72 -19.49
CA GLN A 175 1.59 -11.86 -20.10
C GLN A 175 1.90 -13.13 -19.32
N SER A 176 1.23 -14.22 -19.72
CA SER A 176 1.45 -15.51 -19.07
C SER A 176 2.85 -16.04 -19.34
N SER A 177 3.55 -15.52 -20.35
CA SER A 177 4.90 -15.94 -20.67
C SER A 177 5.95 -15.20 -19.86
N GLY A 178 5.55 -14.26 -19.01
CA GLY A 178 6.50 -13.47 -18.25
C GLY A 178 7.08 -12.28 -18.98
N LEU A 179 6.60 -11.97 -20.17
CA LEU A 179 7.08 -10.86 -20.97
C LEU A 179 5.98 -9.80 -21.09
N TYR A 180 6.37 -8.54 -20.90
CA TYR A 180 5.41 -7.44 -20.96
C TYR A 180 4.95 -7.20 -22.40
N SER A 181 3.81 -6.54 -22.53
CA SER A 181 3.27 -6.18 -23.84
C SER A 181 2.29 -5.02 -23.65
N LEU A 182 2.27 -4.11 -24.63
CA LEU A 182 1.33 -2.99 -24.62
C LEU A 182 1.09 -2.55 -26.05
N SER A 183 0.15 -1.63 -26.20
CA SER A 183 -0.20 -1.04 -27.49
C SER A 183 -0.24 0.47 -27.37
N SER A 184 0.13 1.14 -28.45
CA SER A 184 0.04 2.59 -28.56
C SER A 184 -0.75 2.92 -29.81
N VAL A 185 -1.75 3.80 -29.68
CA VAL A 185 -2.68 4.10 -30.75
C VAL A 185 -2.80 5.62 -30.88
N VAL A 186 -3.36 6.04 -32.01
CA VAL A 186 -3.60 7.46 -32.30
C VAL A 186 -4.77 7.55 -33.27
N THR A 187 -5.61 8.56 -33.10
CA THR A 187 -6.74 8.81 -33.99
C THR A 187 -6.40 9.97 -34.92
N VAL A 188 -6.55 9.74 -36.22
CA VAL A 188 -6.21 10.75 -37.23
C VAL A 188 -7.36 10.85 -38.22
N PRO A 189 -7.50 11.99 -38.90
CA PRO A 189 -8.53 12.12 -39.93
C PRO A 189 -8.31 11.11 -41.05
N SER A 190 -9.42 10.61 -41.60
CA SER A 190 -9.34 9.63 -42.68
C SER A 190 -8.77 10.23 -43.96
N SER A 191 -8.92 11.54 -44.15
CA SER A 191 -8.40 12.19 -45.35
C SER A 191 -6.88 12.30 -45.33
N SER A 192 -6.27 12.21 -44.16
CA SER A 192 -4.81 12.31 -44.02
C SER A 192 -4.12 10.96 -44.02
N LEU A 193 -4.86 9.86 -44.25
CA LEU A 193 -4.26 8.54 -44.24
C LEU A 193 -3.24 8.38 -45.35
N GLY A 194 -3.54 8.92 -46.54
CA GLY A 194 -2.67 8.76 -47.69
C GLY A 194 -1.65 9.86 -47.91
N THR A 195 -1.78 10.99 -47.21
CA THR A 195 -0.88 12.11 -47.41
C THR A 195 0.03 12.40 -46.22
N GLN A 196 -0.25 11.86 -45.05
CA GLN A 196 0.55 12.10 -43.85
C GLN A 196 1.23 10.81 -43.43
N THR A 197 2.53 10.90 -43.15
CA THR A 197 3.32 9.74 -42.76
C THR A 197 3.28 9.58 -41.24
N TYR A 198 2.88 8.39 -40.78
CA TYR A 198 2.77 8.10 -39.35
C TYR A 198 3.79 7.02 -38.99
N ILE A 199 4.77 7.39 -38.19
CA ILE A 199 5.80 6.47 -37.71
C ILE A 199 5.77 6.46 -36.19
N CYS A 200 5.79 5.26 -35.61
CA CYS A 200 5.85 5.11 -34.16
C CYS A 200 7.29 4.77 -33.77
N ASN A 201 7.80 5.47 -32.75
CA ASN A 201 9.15 5.30 -32.28
C ASN A 201 9.13 4.57 -30.95
N VAL A 202 9.80 3.42 -30.89
CA VAL A 202 9.81 2.57 -29.71
C VAL A 202 11.24 2.47 -29.21
N ASN A 203 11.44 2.73 -27.91
CA ASN A 203 12.77 2.71 -27.29
C ASN A 203 12.79 1.70 -26.16
N HIS A 204 13.89 0.96 -26.06
CA HIS A 204 14.06 -0.02 -24.99
C HIS A 204 15.55 -0.08 -24.65
N LYS A 205 15.95 0.66 -23.62
CA LYS A 205 17.36 0.69 -23.20
C LYS A 205 17.89 -0.66 -22.75
N PRO A 206 17.21 -1.44 -21.89
CA PRO A 206 17.83 -2.68 -21.37
C PRO A 206 18.25 -3.66 -22.44
N SER A 207 17.50 -3.77 -23.54
CA SER A 207 17.83 -4.68 -24.62
C SER A 207 18.50 -3.97 -25.80
N ASN A 208 18.92 -2.71 -25.62
CA ASN A 208 19.57 -1.91 -26.66
C ASN A 208 18.67 -1.71 -27.88
N THR A 209 17.36 -1.89 -27.70
CA THR A 209 16.42 -1.87 -28.82
C THR A 209 15.88 -0.46 -29.02
N LYS A 210 16.07 0.09 -30.22
CA LYS A 210 15.45 1.35 -30.62
C LYS A 210 15.00 1.18 -32.06
N VAL A 211 13.70 1.16 -32.28
CA VAL A 211 13.12 0.84 -33.59
C VAL A 211 12.15 1.94 -34.00
N ASP A 212 12.16 2.26 -35.30
CA ASP A 212 11.20 3.16 -35.90
C ASP A 212 10.37 2.35 -36.90
N LYS A 213 9.13 2.04 -36.52
CA LYS A 213 8.22 1.29 -37.37
C LYS A 213 7.08 2.18 -37.83
N ARG A 214 6.84 2.22 -39.13
CA ARG A 214 5.79 3.05 -39.70
C ARG A 214 4.56 2.22 -40.03
N VAL A 215 3.40 2.83 -39.85
CA VAL A 215 2.11 2.18 -40.08
C VAL A 215 1.49 2.79 -41.32
N GLU A 216 1.11 1.93 -42.27
CA GLU A 216 0.50 2.33 -43.52
C GLU A 216 -0.72 1.48 -43.81
N PRO A 217 -1.69 2.02 -44.56
CA PRO A 217 -2.89 1.26 -44.96
C PRO A 217 -2.56 -0.02 -45.72
N GLU B 1 -6.60 -10.18 14.02
CA GLU B 1 -6.07 -9.07 13.26
C GLU B 1 -7.18 -8.12 12.82
N ILE B 2 -6.80 -7.01 12.18
CA ILE B 2 -7.72 -5.96 11.80
C ILE B 2 -7.81 -5.92 10.28
N VAL B 3 -9.04 -5.91 9.76
CA VAL B 3 -9.31 -5.83 8.33
C VAL B 3 -10.11 -4.57 8.07
N LEU B 4 -9.64 -3.77 7.11
CA LEU B 4 -10.30 -2.53 6.73
C LEU B 4 -10.86 -2.65 5.32
N THR B 5 -12.12 -2.29 5.16
CA THR B 5 -12.80 -2.30 3.86
C THR B 5 -13.26 -0.90 3.53
N GLN B 6 -12.89 -0.41 2.36
CA GLN B 6 -13.25 0.93 1.90
C GLN B 6 -14.36 0.82 0.85
N SER B 7 -15.38 1.67 0.99
CA SER B 7 -16.50 1.69 0.07
C SER B 7 -16.76 3.12 -0.39
N PRO B 8 -17.02 3.33 -1.68
CA PRO B 8 -16.95 2.30 -2.72
C PRO B 8 -15.55 2.19 -3.33
N GLY B 9 -15.42 1.38 -4.38
CA GLY B 9 -14.13 1.27 -5.05
C GLY B 9 -13.72 2.55 -5.75
N THR B 10 -14.65 3.20 -6.42
CA THR B 10 -14.38 4.45 -7.14
C THR B 10 -15.43 5.47 -6.78
N LEU B 11 -14.99 6.66 -6.37
CA LEU B 11 -15.88 7.78 -6.10
C LEU B 11 -15.76 8.78 -7.24
N SER B 12 -16.90 9.12 -7.85
CA SER B 12 -16.94 10.00 -9.01
C SER B 12 -17.70 11.26 -8.64
N LEU B 13 -16.99 12.39 -8.53
CA LEU B 13 -17.58 13.69 -8.24
C LEU B 13 -16.94 14.73 -9.14
N SER B 14 -17.34 15.98 -8.96
CA SER B 14 -16.86 17.12 -9.73
C SER B 14 -16.30 18.17 -8.79
N PRO B 15 -15.41 19.04 -9.27
CA PRO B 15 -14.82 20.07 -8.40
C PRO B 15 -15.89 20.94 -7.76
N GLY B 16 -15.68 21.28 -6.49
CA GLY B 16 -16.64 22.04 -5.73
C GLY B 16 -17.64 21.20 -4.95
N GLU B 17 -17.65 19.89 -5.15
CA GLU B 17 -18.57 19.02 -4.44
C GLU B 17 -17.96 18.54 -3.13
N ARG B 18 -18.71 17.76 -2.38
CA ARG B 18 -18.29 17.21 -1.10
C ARG B 18 -18.06 15.72 -1.24
N ALA B 19 -16.92 15.25 -0.75
CA ALA B 19 -16.54 13.85 -0.85
C ALA B 19 -16.70 13.17 0.51
N THR B 20 -17.45 12.08 0.53
CA THR B 20 -17.64 11.26 1.73
C THR B 20 -16.96 9.93 1.50
N LEU B 21 -15.79 9.75 2.12
CA LEU B 21 -15.00 8.53 2.00
C LEU B 21 -15.29 7.63 3.20
N SER B 22 -15.57 6.36 2.93
CA SER B 22 -15.96 5.42 3.96
C SER B 22 -14.91 4.32 4.09
N CYS B 23 -14.47 4.06 5.33
CA CYS B 23 -13.60 2.95 5.65
C CYS B 23 -14.28 2.13 6.74
N ARG B 24 -14.49 0.85 6.47
CA ARG B 24 -15.23 -0.04 7.37
C ARG B 24 -14.26 -0.97 8.09
N ALA B 25 -14.35 -0.99 9.41
CA ALA B 25 -13.54 -1.88 10.25
C ALA B 25 -14.40 -3.07 10.67
N SER B 26 -13.93 -4.28 10.35
CA SER B 26 -14.71 -5.48 10.66
C SER B 26 -14.85 -5.72 12.16
N GLN B 27 -13.99 -5.11 12.98
CA GLN B 27 -14.10 -5.19 14.42
C GLN B 27 -14.04 -3.79 15.00
N SER B 28 -14.63 -3.62 16.19
CA SER B 28 -14.51 -2.37 16.90
C SER B 28 -13.04 -2.09 17.19
N VAL B 29 -12.59 -0.87 16.90
CA VAL B 29 -11.18 -0.52 16.93
C VAL B 29 -11.01 0.87 17.51
N SER B 30 -9.77 1.17 17.91
CA SER B 30 -9.46 2.43 18.57
C SER B 30 -9.63 3.60 17.60
N SER B 31 -9.98 4.76 18.17
CA SER B 31 -10.17 5.98 17.40
C SER B 31 -8.90 6.81 17.29
N SER B 32 -7.77 6.32 17.82
CA SER B 32 -6.51 7.04 17.73
C SER B 32 -5.49 6.32 16.85
N TYR B 33 -5.86 5.22 16.22
CA TYR B 33 -4.95 4.43 15.40
C TYR B 33 -5.31 4.47 13.91
N LEU B 34 -6.15 5.42 13.49
CA LEU B 34 -6.60 5.50 12.12
C LEU B 34 -5.95 6.68 11.41
N ALA B 35 -5.45 6.44 10.20
CA ALA B 35 -4.81 7.47 9.40
C ALA B 35 -5.37 7.43 7.99
N TRP B 36 -5.62 8.61 7.43
CA TRP B 36 -6.06 8.76 6.05
C TRP B 36 -4.90 9.25 5.20
N TYR B 37 -4.68 8.60 4.06
CA TYR B 37 -3.57 8.91 3.19
C TYR B 37 -4.06 9.28 1.81
N GLN B 38 -3.40 10.26 1.18
CA GLN B 38 -3.65 10.63 -0.20
C GLN B 38 -2.43 10.29 -1.04
N GLN B 39 -2.66 9.58 -2.15
CA GLN B 39 -1.57 9.14 -3.03
C GLN B 39 -1.92 9.51 -4.47
N LYS B 40 -1.27 10.55 -4.98
CA LYS B 40 -1.36 10.89 -6.39
C LYS B 40 -0.49 9.96 -7.21
N PRO B 41 -0.78 9.79 -8.50
CA PRO B 41 0.01 8.87 -9.32
C PRO B 41 1.48 9.27 -9.36
N GLY B 42 2.35 8.27 -9.28
CA GLY B 42 3.79 8.51 -9.33
C GLY B 42 4.36 9.23 -8.13
N GLN B 43 3.69 9.17 -6.98
CA GLN B 43 4.13 9.88 -5.80
C GLN B 43 3.94 9.01 -4.57
N ALA B 44 4.67 9.36 -3.51
CA ALA B 44 4.52 8.68 -2.24
C ALA B 44 3.25 9.11 -1.53
N PRO B 45 2.69 8.25 -0.68
CA PRO B 45 1.47 8.64 0.06
C PRO B 45 1.71 9.83 0.98
N ARG B 46 0.68 10.64 1.13
CA ARG B 46 0.72 11.83 1.97
C ARG B 46 -0.32 11.69 3.08
N LEU B 47 0.12 11.85 4.32
CA LEU B 47 -0.79 11.75 5.46
C LEU B 47 -1.68 12.98 5.53
N LEU B 48 -2.98 12.75 5.75
CA LEU B 48 -3.95 13.82 5.87
C LEU B 48 -4.54 13.92 7.27
N ILE B 49 -5.11 12.82 7.78
CA ILE B 49 -5.77 12.80 9.07
C ILE B 49 -5.14 11.70 9.92
N TYR B 50 -4.77 12.04 11.15
CA TYR B 50 -4.28 11.07 12.11
C TYR B 50 -5.22 11.03 13.30
N GLY B 51 -5.19 9.92 14.03
CA GLY B 51 -6.14 9.69 15.10
C GLY B 51 -7.52 9.41 14.56
N ALA B 52 -8.44 10.35 14.74
CA ALA B 52 -9.76 10.24 14.12
C ALA B 52 -10.14 11.46 13.31
N SER B 53 -9.84 12.67 13.81
CA SER B 53 -10.20 13.89 13.10
C SER B 53 -9.11 14.95 13.17
N SER B 54 -7.86 14.56 13.45
CA SER B 54 -6.77 15.52 13.62
C SER B 54 -6.02 15.66 12.30
N ARG B 55 -5.94 16.89 11.81
CA ARG B 55 -5.22 17.17 10.56
C ARG B 55 -3.72 17.22 10.80
N ALA B 56 -2.96 16.68 9.85
CA ALA B 56 -1.51 16.79 9.92
C ALA B 56 -1.06 18.20 9.58
N THR B 57 0.19 18.50 9.92
CA THR B 57 0.75 19.82 9.65
C THR B 57 0.79 20.08 8.15
N GLY B 58 0.33 21.26 7.74
CA GLY B 58 0.29 21.63 6.35
C GLY B 58 -0.89 21.10 5.57
N ILE B 59 -1.79 20.37 6.22
CA ILE B 59 -2.97 19.84 5.53
C ILE B 59 -4.05 20.91 5.48
N PRO B 60 -4.59 21.23 4.31
CA PRO B 60 -5.65 22.24 4.24
C PRO B 60 -6.87 21.84 5.07
N ASP B 61 -7.53 22.85 5.62
CA ASP B 61 -8.64 22.63 6.54
C ASP B 61 -9.88 22.03 5.86
N ARG B 62 -9.93 22.04 4.53
CA ARG B 62 -11.09 21.45 3.84
C ARG B 62 -11.17 19.94 4.06
N PHE B 63 -10.06 19.30 4.42
CA PHE B 63 -10.08 17.89 4.78
C PHE B 63 -10.51 17.75 6.22
N SER B 64 -11.48 16.87 6.47
CA SER B 64 -12.03 16.67 7.81
C SER B 64 -12.19 15.18 8.08
N GLY B 65 -11.77 14.77 9.27
CA GLY B 65 -11.95 13.40 9.71
C GLY B 65 -13.14 13.27 10.64
N SER B 66 -13.69 12.06 10.71
CA SER B 66 -14.85 11.78 11.54
C SER B 66 -15.01 10.26 11.64
N GLY B 67 -15.98 9.84 12.43
CA GLY B 67 -16.27 8.43 12.60
C GLY B 67 -15.70 7.87 13.88
N SER B 68 -16.33 6.80 14.36
CA SER B 68 -15.89 6.12 15.57
C SER B 68 -16.45 4.70 15.57
N GLY B 69 -15.80 3.84 16.35
CA GLY B 69 -16.24 2.45 16.44
C GLY B 69 -15.77 1.61 15.28
N THR B 70 -16.68 1.29 14.36
CA THR B 70 -16.35 0.50 13.18
C THR B 70 -16.50 1.26 11.87
N ASP B 71 -17.04 2.47 11.90
CA ASP B 71 -17.26 3.27 10.70
C ASP B 71 -16.58 4.61 10.84
N PHE B 72 -15.81 5.01 9.83
CA PHE B 72 -15.09 6.27 9.83
C PHE B 72 -15.27 6.94 8.47
N THR B 73 -15.30 8.27 8.49
CA THR B 73 -15.59 9.05 7.29
C THR B 73 -14.51 10.11 7.09
N LEU B 74 -13.98 10.18 5.87
CA LEU B 74 -13.07 11.25 5.46
C LEU B 74 -13.84 12.19 4.55
N THR B 75 -13.81 13.48 4.88
CA THR B 75 -14.64 14.48 4.20
C THR B 75 -13.76 15.58 3.63
N ILE B 76 -13.95 15.89 2.36
CA ILE B 76 -13.38 17.06 1.71
C ILE B 76 -14.53 18.01 1.41
N SER B 77 -14.53 19.17 2.06
CA SER B 77 -15.68 20.07 1.97
C SER B 77 -15.86 20.62 0.55
N ARG B 78 -14.79 21.15 -0.03
CA ARG B 78 -14.82 21.66 -1.39
C ARG B 78 -13.66 21.04 -2.17
N LEU B 79 -13.98 20.32 -3.23
CA LEU B 79 -12.98 19.57 -3.98
C LEU B 79 -12.20 20.51 -4.90
N GLU B 80 -10.91 20.66 -4.63
CA GLU B 80 -10.02 21.33 -5.56
C GLU B 80 -9.67 20.39 -6.71
N PRO B 81 -9.26 20.93 -7.86
CA PRO B 81 -8.89 20.06 -8.99
C PRO B 81 -7.77 19.09 -8.69
N GLU B 82 -6.90 19.40 -7.73
CA GLU B 82 -5.76 18.56 -7.40
C GLU B 82 -6.01 17.68 -6.19
N ASP B 83 -7.26 17.54 -5.76
CA ASP B 83 -7.63 16.63 -4.69
C ASP B 83 -8.05 15.26 -5.21
N PHE B 84 -8.01 15.04 -6.52
CA PHE B 84 -8.43 13.79 -7.13
C PHE B 84 -7.25 12.82 -7.12
N ALA B 85 -7.31 11.83 -6.24
CA ALA B 85 -6.25 10.82 -6.12
C ALA B 85 -6.86 9.59 -5.47
N VAL B 86 -6.00 8.67 -5.04
CA VAL B 86 -6.41 7.45 -4.36
C VAL B 86 -6.23 7.67 -2.86
N TYR B 87 -7.26 7.34 -2.08
CA TYR B 87 -7.26 7.57 -0.65
C TYR B 87 -7.30 6.25 0.10
N TYR B 88 -6.41 6.10 1.08
CA TYR B 88 -6.30 4.87 1.86
C TYR B 88 -6.61 5.14 3.33
N CYS B 89 -7.15 4.13 4.00
CA CYS B 89 -7.35 4.16 5.44
C CYS B 89 -6.47 3.09 6.08
N GLN B 90 -5.95 3.39 7.27
CA GLN B 90 -4.96 2.56 7.92
C GLN B 90 -5.34 2.30 9.37
N GLN B 91 -4.99 1.12 9.87
CA GLN B 91 -5.10 0.80 11.28
C GLN B 91 -3.88 0.01 11.70
N TYR B 92 -3.61 0.01 13.00
CA TYR B 92 -2.34 -0.48 13.53
C TYR B 92 -2.47 -1.79 14.29
N GLY B 93 -3.26 -1.83 15.36
CA GLY B 93 -3.22 -2.99 16.24
C GLY B 93 -1.80 -3.20 16.73
N SER B 94 -1.24 -4.36 16.43
CA SER B 94 0.17 -4.63 16.67
C SER B 94 1.03 -4.46 15.42
N SER B 95 0.44 -4.64 14.23
CA SER B 95 1.14 -4.49 12.96
C SER B 95 0.28 -3.69 12.00
N PRO B 96 0.79 -2.59 11.44
CA PRO B 96 -0.04 -1.71 10.61
C PRO B 96 -0.63 -2.44 9.42
N THR B 97 -1.89 -2.10 9.11
CA THR B 97 -2.60 -2.69 7.98
C THR B 97 -3.33 -1.58 7.23
N PHE B 98 -3.54 -1.81 5.94
CA PHE B 98 -4.12 -0.80 5.05
C PHE B 98 -5.34 -1.36 4.34
N GLY B 99 -6.23 -0.46 3.94
CA GLY B 99 -7.34 -0.81 3.09
C GLY B 99 -6.93 -0.85 1.63
N GLN B 100 -7.88 -1.28 0.79
CA GLN B 100 -7.60 -1.39 -0.64
C GLN B 100 -7.65 -0.05 -1.37
N GLY B 101 -8.20 0.98 -0.75
CA GLY B 101 -8.14 2.31 -1.34
C GLY B 101 -9.36 2.65 -2.16
N THR B 102 -9.63 3.96 -2.25
CA THR B 102 -10.73 4.49 -3.05
C THR B 102 -10.17 5.52 -4.02
N LYS B 103 -10.56 5.41 -5.29
CA LYS B 103 -10.08 6.31 -6.32
C LYS B 103 -11.08 7.44 -6.54
N LEU B 104 -10.59 8.67 -6.54
CA LEU B 104 -11.41 9.85 -6.77
C LEU B 104 -11.21 10.30 -8.21
N GLU B 105 -12.24 10.12 -9.04
CA GLU B 105 -12.22 10.54 -10.43
C GLU B 105 -13.11 11.76 -10.61
N ILE B 106 -12.99 12.38 -11.78
CA ILE B 106 -13.73 13.59 -12.11
C ILE B 106 -15.03 13.21 -12.79
N LYS B 107 -16.15 13.74 -12.30
CA LYS B 107 -17.44 13.47 -12.91
C LYS B 107 -17.50 14.06 -14.32
N ARG B 108 -18.16 13.32 -15.22
CA ARG B 108 -18.22 13.72 -16.61
C ARG B 108 -19.52 13.20 -17.22
N THR B 109 -19.96 13.85 -18.29
CA THR B 109 -21.11 13.38 -19.03
C THR B 109 -20.79 12.05 -19.71
N VAL B 110 -21.83 11.24 -19.90
CA VAL B 110 -21.64 9.94 -20.53
C VAL B 110 -21.14 10.11 -21.96
N ALA B 111 -20.15 9.29 -22.33
CA ALA B 111 -19.56 9.33 -23.67
C ALA B 111 -19.42 7.92 -24.20
N ALA B 112 -20.03 7.65 -25.35
CA ALA B 112 -19.94 6.33 -25.94
C ALA B 112 -18.54 6.10 -26.49
N PRO B 113 -18.01 4.88 -26.38
CA PRO B 113 -16.66 4.62 -26.90
C PRO B 113 -16.65 4.52 -28.42
N SER B 114 -15.45 4.72 -28.96
CA SER B 114 -15.18 4.46 -30.37
C SER B 114 -14.48 3.11 -30.47
N VAL B 115 -15.10 2.17 -31.16
CA VAL B 115 -14.64 0.78 -31.19
C VAL B 115 -13.93 0.53 -32.51
N PHE B 116 -12.67 0.12 -32.43
CA PHE B 116 -11.88 -0.26 -33.59
C PHE B 116 -11.29 -1.64 -33.36
N ILE B 117 -11.34 -2.48 -34.40
CA ILE B 117 -10.80 -3.83 -34.34
C ILE B 117 -9.65 -3.94 -35.33
N PHE B 118 -8.54 -4.50 -34.89
CA PHE B 118 -7.34 -4.60 -35.71
C PHE B 118 -6.99 -6.06 -35.93
N PRO B 119 -7.04 -6.57 -37.16
CA PRO B 119 -6.57 -7.93 -37.41
C PRO B 119 -5.08 -8.01 -37.17
N PRO B 120 -4.57 -9.18 -36.79
CA PRO B 120 -3.13 -9.32 -36.59
C PRO B 120 -2.36 -9.05 -37.87
N SER B 121 -1.21 -8.39 -37.73
CA SER B 121 -0.41 -8.03 -38.89
C SER B 121 0.18 -9.27 -39.55
N ASP B 122 0.47 -9.15 -40.85
CA ASP B 122 1.08 -10.27 -41.57
C ASP B 122 2.46 -10.59 -41.02
N GLU B 123 3.25 -9.56 -40.69
CA GLU B 123 4.58 -9.78 -40.17
C GLU B 123 4.57 -10.51 -38.83
N GLN B 124 3.52 -10.30 -38.02
CA GLN B 124 3.40 -11.02 -36.76
C GLN B 124 3.06 -12.50 -36.99
N LEU B 125 2.26 -12.78 -38.02
CA LEU B 125 1.88 -14.16 -38.29
C LEU B 125 3.09 -15.01 -38.67
N LYS B 126 4.09 -14.41 -39.30
CA LYS B 126 5.29 -15.15 -39.68
C LYS B 126 6.06 -15.66 -38.45
N SER B 127 5.81 -15.11 -37.28
CA SER B 127 6.45 -15.55 -36.04
C SER B 127 5.73 -16.70 -35.37
N GLY B 128 4.55 -17.09 -35.86
CA GLY B 128 3.82 -18.21 -35.31
C GLY B 128 2.74 -17.86 -34.31
N THR B 129 2.48 -16.57 -34.06
CA THR B 129 1.45 -16.15 -33.13
C THR B 129 0.67 -14.99 -33.72
N ALA B 130 -0.58 -14.85 -33.30
CA ALA B 130 -1.47 -13.82 -33.79
C ALA B 130 -2.13 -13.11 -32.62
N SER B 131 -2.10 -11.78 -32.63
CA SER B 131 -2.75 -10.96 -31.62
C SER B 131 -3.80 -10.09 -32.28
N VAL B 132 -5.03 -10.13 -31.75
CA VAL B 132 -6.13 -9.32 -32.24
C VAL B 132 -6.39 -8.23 -31.20
N VAL B 133 -6.34 -6.98 -31.63
CA VAL B 133 -6.42 -5.82 -30.74
C VAL B 133 -7.75 -5.13 -30.96
N CYS B 134 -8.50 -4.92 -29.88
CA CYS B 134 -9.73 -4.15 -29.89
C CYS B 134 -9.50 -2.86 -29.13
N LEU B 135 -9.88 -1.74 -29.74
CA LEU B 135 -9.61 -0.42 -29.17
C LEU B 135 -10.93 0.25 -28.79
N LEU B 136 -10.97 0.77 -27.56
CA LEU B 136 -12.09 1.58 -27.07
C LEU B 136 -11.55 2.96 -26.76
N ASN B 137 -12.01 3.97 -27.49
CA ASN B 137 -11.40 5.28 -27.48
C ASN B 137 -12.33 6.32 -26.87
N ASN B 138 -11.84 7.00 -25.83
CA ASN B 138 -12.46 8.22 -25.29
C ASN B 138 -13.91 7.97 -24.85
N PHE B 139 -14.04 7.15 -23.83
CA PHE B 139 -15.33 6.83 -23.25
C PHE B 139 -15.35 7.16 -21.76
N TYR B 140 -16.56 7.32 -21.23
CA TYR B 140 -16.80 7.52 -19.80
C TYR B 140 -18.21 7.04 -19.52
N PRO B 141 -18.45 6.32 -18.41
CA PRO B 141 -17.50 5.96 -17.35
C PRO B 141 -16.54 4.82 -17.72
N ARG B 142 -15.63 4.52 -16.81
CA ARG B 142 -14.62 3.48 -17.05
C ARG B 142 -15.23 2.11 -17.22
N GLU B 143 -16.45 1.89 -16.72
CA GLU B 143 -17.06 0.56 -16.73
C GLU B 143 -17.41 0.20 -18.16
N ALA B 144 -16.55 -0.61 -18.78
CA ALA B 144 -16.74 -1.09 -20.15
C ALA B 144 -16.64 -2.60 -20.17
N LYS B 145 -17.51 -3.24 -20.95
CA LYS B 145 -17.54 -4.68 -21.09
C LYS B 145 -17.10 -5.04 -22.51
N VAL B 146 -15.99 -5.77 -22.62
CA VAL B 146 -15.45 -6.19 -23.91
C VAL B 146 -15.47 -7.71 -23.94
N GLN B 147 -16.10 -8.27 -24.97
CA GLN B 147 -16.24 -9.72 -25.11
C GLN B 147 -15.70 -10.12 -26.48
N TRP B 148 -14.74 -11.04 -26.48
CA TRP B 148 -14.18 -11.57 -27.72
C TRP B 148 -15.02 -12.76 -28.18
N LYS B 149 -15.30 -12.81 -29.49
CA LYS B 149 -16.10 -13.87 -30.06
C LYS B 149 -15.46 -14.35 -31.35
N VAL B 150 -15.01 -15.59 -31.37
CA VAL B 150 -14.42 -16.22 -32.54
C VAL B 150 -15.46 -17.15 -33.14
N ASP B 151 -15.91 -16.84 -34.35
CA ASP B 151 -17.00 -17.58 -35.01
C ASP B 151 -18.20 -17.69 -34.06
N ASN B 152 -18.54 -16.57 -33.43
CA ASN B 152 -19.63 -16.44 -32.46
C ASN B 152 -19.40 -17.24 -31.18
N ALA B 153 -18.19 -17.76 -30.96
CA ALA B 153 -17.87 -18.52 -29.76
C ALA B 153 -17.20 -17.60 -28.75
N LEU B 154 -17.80 -17.45 -27.58
CA LEU B 154 -17.33 -16.51 -26.57
C LEU B 154 -15.96 -16.97 -26.05
N GLN B 155 -14.93 -16.16 -26.31
CA GLN B 155 -13.58 -16.49 -25.87
C GLN B 155 -13.37 -16.04 -24.43
N SER B 156 -12.82 -16.92 -23.61
CA SER B 156 -12.56 -16.62 -22.21
C SER B 156 -11.22 -17.23 -21.81
N GLY B 157 -10.36 -16.41 -21.20
CA GLY B 157 -9.07 -16.87 -20.73
C GLY B 157 -7.89 -16.62 -21.64
N ASN B 158 -8.08 -15.90 -22.74
CA ASN B 158 -7.00 -15.60 -23.68
C ASN B 158 -7.01 -14.13 -24.08
N SER B 159 -7.50 -13.25 -23.20
CA SER B 159 -7.57 -11.82 -23.47
C SER B 159 -7.02 -11.06 -22.28
N GLN B 160 -6.38 -9.93 -22.58
CA GLN B 160 -5.82 -9.05 -21.56
C GLN B 160 -6.21 -7.61 -21.88
N GLU B 161 -6.52 -6.84 -20.83
CA GLU B 161 -6.96 -5.46 -20.97
C GLU B 161 -6.03 -4.53 -20.21
N SER B 162 -5.97 -3.29 -20.68
CA SER B 162 -5.23 -2.24 -20.00
C SER B 162 -5.93 -0.91 -20.27
N VAL B 163 -6.16 -0.13 -19.22
CA VAL B 163 -6.92 1.10 -19.31
C VAL B 163 -6.01 2.26 -18.94
N THR B 164 -6.04 3.31 -19.77
CA THR B 164 -5.29 4.52 -19.47
C THR B 164 -5.95 5.30 -18.33
N GLU B 165 -5.16 6.15 -17.69
CA GLU B 165 -5.69 7.00 -16.64
C GLU B 165 -6.59 8.08 -17.25
N GLN B 166 -7.36 8.75 -16.39
CA GLN B 166 -8.29 9.76 -16.85
C GLN B 166 -7.55 10.87 -17.58
N ASP B 167 -8.06 11.23 -18.77
CA ASP B 167 -7.41 12.24 -19.59
C ASP B 167 -7.48 13.60 -18.92
N SER B 168 -6.41 14.39 -19.08
CA SER B 168 -6.37 15.70 -18.45
C SER B 168 -7.27 16.72 -19.14
N LYS B 169 -7.73 16.44 -20.36
CA LYS B 169 -8.52 17.41 -21.12
C LYS B 169 -10.02 17.11 -21.05
N ASP B 170 -10.44 15.93 -21.48
CA ASP B 170 -11.85 15.58 -21.52
C ASP B 170 -12.26 14.57 -20.46
N SER B 171 -11.35 14.18 -19.56
CA SER B 171 -11.65 13.27 -18.46
C SER B 171 -12.27 11.97 -18.96
N THR B 172 -11.70 11.42 -20.04
CA THR B 172 -12.17 10.19 -20.64
C THR B 172 -11.18 9.07 -20.41
N TYR B 173 -11.61 7.84 -20.72
CA TYR B 173 -10.79 6.66 -20.57
C TYR B 173 -10.66 5.97 -21.93
N SER B 174 -9.58 5.21 -22.07
CA SER B 174 -9.34 4.41 -23.27
C SER B 174 -8.97 2.99 -22.86
N LEU B 175 -9.49 2.02 -23.60
CA LEU B 175 -9.27 0.61 -23.29
C LEU B 175 -8.73 -0.11 -24.53
N SER B 176 -7.85 -1.08 -24.30
CA SER B 176 -7.29 -1.90 -25.36
C SER B 176 -7.26 -3.35 -24.90
N SER B 177 -8.01 -4.20 -25.58
CA SER B 177 -8.06 -5.63 -25.26
C SER B 177 -7.39 -6.42 -26.37
N THR B 178 -6.47 -7.30 -26.00
CA THR B 178 -5.69 -8.08 -26.95
C THR B 178 -6.05 -9.55 -26.82
N LEU B 179 -6.43 -10.17 -27.94
CA LEU B 179 -6.74 -11.59 -27.99
C LEU B 179 -5.55 -12.30 -28.64
N THR B 180 -4.85 -13.12 -27.86
CA THR B 180 -3.63 -13.78 -28.31
C THR B 180 -3.94 -15.24 -28.67
N LEU B 181 -3.61 -15.62 -29.90
CA LEU B 181 -3.81 -16.98 -30.38
C LEU B 181 -2.61 -17.38 -31.23
N SER B 182 -2.39 -18.68 -31.33
CA SER B 182 -1.30 -19.19 -32.15
C SER B 182 -1.69 -19.11 -33.63
N LYS B 183 -0.68 -19.29 -34.50
CA LYS B 183 -0.93 -19.24 -35.93
C LYS B 183 -1.89 -20.34 -36.37
N ALA B 184 -1.72 -21.55 -35.85
CA ALA B 184 -2.61 -22.64 -36.21
C ALA B 184 -4.04 -22.38 -35.76
N ASP B 185 -4.21 -21.86 -34.54
CA ASP B 185 -5.55 -21.55 -34.05
C ASP B 185 -6.18 -20.42 -34.85
N TYR B 186 -5.38 -19.42 -35.24
CA TYR B 186 -5.92 -18.30 -36.00
C TYR B 186 -6.47 -18.74 -37.35
N GLU B 187 -5.75 -19.62 -38.05
CA GLU B 187 -6.20 -20.07 -39.36
C GLU B 187 -7.39 -21.03 -39.27
N LYS B 188 -7.66 -21.58 -38.08
CA LYS B 188 -8.75 -22.52 -37.90
C LYS B 188 -10.12 -21.84 -37.96
N HIS B 189 -10.18 -20.52 -37.93
CA HIS B 189 -11.44 -19.79 -37.87
C HIS B 189 -11.42 -18.63 -38.83
N LYS B 190 -12.60 -18.08 -39.11
CA LYS B 190 -12.77 -17.02 -40.09
C LYS B 190 -13.29 -15.72 -39.47
N VAL B 191 -14.39 -15.79 -38.72
CA VAL B 191 -15.04 -14.59 -38.20
C VAL B 191 -14.46 -14.25 -36.84
N TYR B 192 -13.98 -13.01 -36.68
CA TYR B 192 -13.45 -12.51 -35.43
C TYR B 192 -14.17 -11.22 -35.08
N ALA B 193 -14.75 -11.16 -33.88
CA ALA B 193 -15.61 -10.05 -33.49
C ALA B 193 -15.23 -9.56 -32.10
N CYS B 194 -15.62 -8.32 -31.82
CA CYS B 194 -15.36 -7.66 -30.53
C CYS B 194 -16.63 -6.92 -30.12
N GLU B 195 -17.42 -7.53 -29.24
CA GLU B 195 -18.66 -6.94 -28.76
C GLU B 195 -18.39 -6.07 -27.55
N VAL B 196 -18.83 -4.82 -27.60
CA VAL B 196 -18.55 -3.83 -26.57
C VAL B 196 -19.86 -3.38 -25.94
N THR B 197 -19.96 -3.47 -24.62
CA THR B 197 -21.12 -3.01 -23.87
C THR B 197 -20.71 -1.85 -22.97
N HIS B 198 -21.42 -0.73 -23.11
CA HIS B 198 -21.10 0.47 -22.34
C HIS B 198 -22.38 1.22 -22.05
N GLN B 199 -22.30 2.12 -21.06
CA GLN B 199 -23.47 2.90 -20.67
C GLN B 199 -23.89 3.85 -21.79
N GLY B 200 -22.95 4.33 -22.59
CA GLY B 200 -23.24 5.24 -23.67
C GLY B 200 -23.81 4.62 -24.92
N LEU B 201 -23.89 3.30 -24.98
CA LEU B 201 -24.42 2.59 -26.14
C LEU B 201 -25.80 2.05 -25.83
N SER B 202 -26.78 2.38 -26.68
CA SER B 202 -28.12 1.84 -26.50
C SER B 202 -28.13 0.32 -26.61
N SER B 203 -27.40 -0.21 -27.59
CA SER B 203 -27.20 -1.64 -27.78
C SER B 203 -25.71 -1.90 -27.96
N PRO B 204 -25.24 -3.10 -27.59
CA PRO B 204 -23.81 -3.39 -27.73
C PRO B 204 -23.35 -3.25 -29.18
N VAL B 205 -22.15 -2.69 -29.34
CA VAL B 205 -21.57 -2.43 -30.66
C VAL B 205 -20.58 -3.54 -30.96
N THR B 206 -20.75 -4.17 -32.12
CA THR B 206 -19.89 -5.28 -32.54
C THR B 206 -19.08 -4.85 -33.76
N LYS B 207 -17.77 -4.87 -33.63
CA LYS B 207 -16.85 -4.65 -34.75
C LYS B 207 -16.21 -5.98 -35.09
N SER B 208 -16.34 -6.39 -36.35
CA SER B 208 -15.92 -7.71 -36.78
C SER B 208 -15.19 -7.64 -38.11
N PHE B 209 -14.39 -8.66 -38.38
CA PHE B 209 -13.70 -8.79 -39.66
C PHE B 209 -13.58 -10.27 -39.98
N ASN B 210 -13.48 -10.57 -41.28
CA ASN B 210 -13.28 -11.92 -41.76
C ASN B 210 -11.80 -12.13 -42.05
N ARG B 211 -11.24 -13.24 -41.56
CA ARG B 211 -9.82 -13.50 -41.73
C ARG B 211 -9.47 -13.64 -43.20
N GLY B 212 -8.36 -13.03 -43.61
CA GLY B 212 -7.90 -13.08 -44.97
C GLY B 212 -8.67 -12.21 -45.94
N GLU B 213 -9.50 -11.29 -45.45
CA GLU B 213 -10.29 -10.40 -46.29
C GLU B 213 -9.96 -8.96 -45.95
N CYS B 214 -9.61 -8.18 -46.97
CA CYS B 214 -9.27 -6.78 -46.78
C CYS B 214 -10.04 -5.88 -47.74
N CYS C 18 -2.28 -8.58 56.55
CA CYS C 18 -1.93 -8.55 55.14
C CYS C 18 -2.84 -7.60 54.36
N PRO C 19 -2.28 -6.48 53.88
CA PRO C 19 -3.06 -5.44 53.21
C PRO C 19 -3.33 -5.72 51.73
N PHE C 20 -3.78 -6.95 51.43
CA PHE C 20 -4.15 -7.28 50.06
C PHE C 20 -5.38 -6.50 49.61
N GLY C 21 -6.26 -6.16 50.55
CA GLY C 21 -7.38 -5.30 50.21
C GLY C 21 -6.99 -3.86 49.95
N GLU C 22 -5.84 -3.43 50.45
CA GLU C 22 -5.35 -2.08 50.15
C GLU C 22 -4.90 -1.95 48.70
N VAL C 23 -4.50 -3.06 48.08
CA VAL C 23 -4.05 -3.02 46.69
C VAL C 23 -5.23 -3.02 45.74
N PHE C 24 -6.20 -3.89 45.96
CA PHE C 24 -7.31 -4.03 45.03
C PHE C 24 -8.39 -2.99 45.28
N SER C 27 -8.89 3.46 45.54
CA SER C 27 -9.63 4.40 44.70
C SER C 27 -8.78 4.86 43.51
N LYS C 28 -7.50 5.13 43.73
CA LYS C 28 -6.62 5.67 42.71
C LYS C 28 -5.52 4.66 42.39
N PHE C 29 -5.29 4.42 41.11
CA PHE C 29 -4.22 3.56 40.63
C PHE C 29 -3.18 4.38 39.88
N ALA C 30 -2.08 3.72 39.53
CA ALA C 30 -0.99 4.34 38.80
C ALA C 30 -0.90 3.77 37.39
N SER C 31 -0.37 4.58 36.47
CA SER C 31 -0.24 4.17 35.09
C SER C 31 0.83 3.10 34.95
N VAL C 32 0.86 2.48 33.76
CA VAL C 32 1.80 1.39 33.52
C VAL C 32 3.24 1.91 33.50
N TYR C 33 3.45 3.11 32.95
CA TYR C 33 4.79 3.69 32.95
C TYR C 33 5.27 4.03 34.34
N ALA C 34 4.35 4.24 35.29
CA ALA C 34 4.70 4.56 36.66
C ALA C 34 4.17 3.50 37.61
N TRP C 35 4.40 2.23 37.27
CA TRP C 35 3.86 1.12 38.04
C TRP C 35 4.40 1.13 39.46
N ASN C 36 3.58 0.65 40.40
CA ASN C 36 3.90 0.67 41.82
C ASN C 36 4.28 -0.73 42.28
N ARG C 37 5.30 -0.79 43.14
CA ARG C 37 5.70 -2.02 43.82
C ARG C 37 5.67 -1.80 45.32
N LYS C 38 5.18 -2.79 46.05
CA LYS C 38 4.97 -2.70 47.48
C LYS C 38 5.69 -3.85 48.19
N ARG C 39 6.32 -3.54 49.32
CA ARG C 39 7.06 -4.54 50.10
C ARG C 39 6.07 -5.26 51.01
N ILE C 40 5.84 -6.54 50.73
CA ILE C 40 4.91 -7.36 51.48
C ILE C 40 5.71 -8.38 52.28
N SER C 41 5.49 -8.43 53.59
CA SER C 41 6.21 -9.37 54.43
C SER C 41 5.44 -9.58 55.72
N ASN C 42 5.58 -10.79 56.28
CA ASN C 42 5.01 -11.15 57.58
C ASN C 42 3.49 -10.96 57.60
N CYS C 43 2.81 -11.74 56.76
CA CYS C 43 1.36 -11.65 56.64
C CYS C 43 0.81 -13.05 56.37
N PHE C 56 -11.66 -12.32 38.31
CA PHE C 56 -10.43 -12.03 37.56
C PHE C 56 -10.48 -12.68 36.19
N SER C 57 -10.25 -11.87 35.15
CA SER C 57 -10.29 -12.39 33.78
C SER C 57 -9.04 -13.22 33.46
N THR C 58 -7.87 -12.75 33.89
CA THR C 58 -6.60 -13.40 33.56
C THR C 58 -5.87 -13.77 34.83
N PHE C 59 -5.41 -15.03 34.91
CA PHE C 59 -4.63 -15.50 36.06
C PHE C 59 -3.73 -16.62 35.55
N LYS C 60 -2.47 -16.29 35.28
CA LYS C 60 -1.50 -17.25 34.76
C LYS C 60 -0.26 -17.23 35.64
N CYS C 61 0.08 -18.38 36.23
CA CYS C 61 1.27 -18.52 37.07
C CYS C 61 2.38 -19.19 36.26
N TYR C 62 3.62 -18.78 36.52
CA TYR C 62 4.77 -19.27 35.76
C TYR C 62 5.75 -20.07 36.59
N GLY C 63 6.10 -19.59 37.79
CA GLY C 63 7.10 -20.26 38.60
C GLY C 63 6.56 -21.33 39.51
N PHE C 74 8.38 -17.56 51.03
CA PHE C 74 9.39 -16.77 50.30
C PHE C 74 10.03 -15.70 51.19
N THR C 75 11.27 -15.33 50.86
CA THR C 75 11.97 -14.29 51.65
C THR C 75 11.28 -12.95 51.43
N ASN C 76 10.86 -12.64 50.21
CA ASN C 76 10.19 -11.39 49.91
C ASN C 76 9.19 -11.62 48.79
N VAL C 77 8.07 -10.88 48.86
CA VAL C 77 7.05 -10.91 47.83
C VAL C 77 6.71 -9.46 47.48
N TYR C 78 6.66 -9.16 46.17
CA TYR C 78 6.44 -7.82 45.68
C TYR C 78 5.10 -7.74 44.95
N ALA C 79 4.34 -6.69 45.23
CA ALA C 79 3.02 -6.48 44.64
C ALA C 79 3.11 -5.39 43.58
N ASP C 80 3.00 -5.77 42.31
CA ASP C 80 3.05 -4.84 41.20
C ASP C 80 1.63 -4.56 40.73
N SER C 81 1.21 -3.30 40.80
CA SER C 81 -0.14 -2.89 40.42
C SER C 81 -0.07 -1.76 39.41
N PHE C 82 -0.68 -1.97 38.25
CA PHE C 82 -0.78 -0.95 37.21
C PHE C 82 -1.95 -1.34 36.30
N VAL C 83 -2.08 -0.64 35.18
CA VAL C 83 -3.19 -0.88 34.27
C VAL C 83 -2.69 -0.82 32.82
N VAL C 84 -3.15 -1.78 32.00
CA VAL C 84 -2.95 -1.77 30.56
C VAL C 84 -4.27 -2.16 29.92
N LYS C 85 -4.40 -1.84 28.63
CA LYS C 85 -5.59 -2.26 27.91
C LYS C 85 -5.54 -3.76 27.62
N GLY C 86 -6.69 -4.30 27.25
CA GLY C 86 -6.81 -5.75 27.08
C GLY C 86 -5.89 -6.31 26.01
N ASP C 87 -5.51 -5.49 25.03
CA ASP C 87 -4.58 -5.94 24.00
C ASP C 87 -3.21 -6.25 24.59
N GLU C 88 -2.78 -5.44 25.56
CA GLU C 88 -1.42 -5.47 26.07
C GLU C 88 -1.28 -6.28 27.36
N VAL C 89 -2.30 -7.06 27.73
CA VAL C 89 -2.16 -7.94 28.89
C VAL C 89 -1.11 -9.00 28.61
N ARG C 90 -1.05 -9.50 27.37
CA ARG C 90 -0.06 -10.51 26.99
C ARG C 90 1.37 -9.99 27.12
N GLN C 91 1.56 -8.67 27.16
CA GLN C 91 2.89 -8.12 27.35
C GLN C 91 3.47 -8.46 28.72
N ILE C 92 2.62 -8.76 29.69
CA ILE C 92 3.09 -9.12 31.04
C ILE C 92 3.31 -10.63 31.02
N ALA C 93 4.48 -11.03 30.51
CA ALA C 93 4.87 -12.42 30.37
C ALA C 93 6.32 -12.51 29.91
N PRO C 94 7.05 -13.56 30.30
CA PRO C 94 8.42 -13.73 29.79
C PRO C 94 8.42 -13.93 28.28
N GLY C 95 9.47 -13.44 27.64
CA GLY C 95 9.54 -13.50 26.20
C GLY C 95 8.53 -12.58 25.55
N GLN C 96 8.72 -11.27 25.71
CA GLN C 96 7.72 -10.29 25.35
C GLN C 96 8.32 -9.23 24.43
N THR C 97 7.47 -8.70 23.55
CA THR C 97 7.83 -7.57 22.69
C THR C 97 6.59 -6.71 22.50
N GLY C 98 6.79 -5.40 22.49
CA GLY C 98 5.70 -4.47 22.29
C GLY C 98 5.98 -3.15 22.98
N VAL C 99 5.01 -2.25 22.86
CA VAL C 99 5.15 -0.91 23.45
C VAL C 99 5.21 -1.01 24.97
N ILE C 100 4.34 -1.82 25.57
CA ILE C 100 4.35 -1.98 27.01
C ILE C 100 5.58 -2.77 27.46
N ALA C 101 5.93 -3.83 26.72
CA ALA C 101 7.04 -4.68 27.12
C ALA C 101 8.37 -3.95 27.02
N ASP C 102 8.60 -3.25 25.92
CA ASP C 102 9.91 -2.64 25.69
C ASP C 102 10.12 -1.37 26.50
N TYR C 103 9.07 -0.55 26.65
CA TYR C 103 9.24 0.79 27.18
C TYR C 103 8.46 1.09 28.45
N ASN C 104 7.53 0.22 28.87
CA ASN C 104 6.70 0.50 30.02
C ASN C 104 6.95 -0.47 31.18
N TYR C 105 6.84 -1.77 30.93
CA TYR C 105 7.00 -2.77 31.98
C TYR C 105 7.60 -4.04 31.37
N LYS C 106 8.59 -4.61 32.03
CA LYS C 106 9.27 -5.79 31.55
C LYS C 106 9.35 -6.84 32.66
N LEU C 107 9.20 -8.13 32.27
CA LEU C 107 9.34 -9.31 33.11
C LEU C 107 10.73 -9.91 32.94
N PRO C 108 11.27 -10.58 33.97
CA PRO C 108 12.70 -10.92 33.95
C PRO C 108 13.05 -12.15 33.13
N ASP C 109 12.09 -12.80 32.49
CA ASP C 109 12.30 -14.00 31.68
C ASP C 109 12.60 -15.20 32.57
N ASP C 110 12.78 -14.96 33.86
CA ASP C 110 12.96 -16.00 34.87
C ASP C 110 11.91 -15.86 35.95
N PHE C 111 10.70 -15.45 35.54
CA PHE C 111 9.66 -15.08 36.50
C PHE C 111 9.23 -16.29 37.34
N THR C 112 9.26 -16.12 38.66
CA THR C 112 8.83 -17.21 39.56
C THR C 112 7.48 -16.82 40.16
N GLY C 113 6.66 -16.07 39.41
CA GLY C 113 5.42 -15.58 40.02
C GLY C 113 4.17 -15.80 39.19
N CYS C 114 3.18 -14.93 39.36
CA CYS C 114 1.87 -15.07 38.70
C CYS C 114 1.35 -13.68 38.28
N VAL C 115 0.36 -13.63 37.37
CA VAL C 115 -0.22 -12.34 36.88
C VAL C 115 -1.72 -12.34 37.14
N ILE C 116 -2.25 -11.30 37.77
CA ILE C 116 -3.68 -11.20 38.14
C ILE C 116 -4.22 -10.00 37.37
N ALA C 117 -5.44 -10.08 36.90
CA ALA C 117 -6.08 -8.99 36.17
C ALA C 117 -7.57 -9.26 36.07
N TRP C 118 -8.36 -8.20 36.22
CA TRP C 118 -9.80 -8.28 36.03
C TRP C 118 -10.24 -7.36 34.90
N ASN C 119 -11.55 -7.23 34.74
CA ASN C 119 -12.16 -6.59 33.57
C ASN C 119 -12.25 -5.08 33.74
N SER C 120 -13.08 -4.45 32.90
CA SER C 120 -13.15 -3.00 32.72
C SER C 120 -13.02 -2.23 34.03
N VAL C 121 -12.32 -1.11 33.96
CA VAL C 121 -11.82 -0.38 35.13
C VAL C 121 -12.71 0.83 35.40
N LYS C 122 -12.96 1.10 36.69
CA LYS C 122 -13.78 2.25 37.07
C LYS C 122 -13.07 3.55 36.75
N GLN C 123 -11.80 3.67 37.12
CA GLN C 123 -11.04 4.91 36.91
C GLN C 123 -9.55 4.61 36.75
N TYR C 133 -4.90 7.64 32.48
CA TYR C 133 -4.03 6.48 32.35
C TYR C 133 -3.05 6.73 31.22
N LEU C 134 -1.76 6.58 31.52
CA LEU C 134 -0.69 6.94 30.60
C LEU C 134 0.19 5.73 30.30
N TYR C 135 0.90 5.81 29.17
CA TYR C 135 1.86 4.79 28.79
C TYR C 135 2.94 5.43 27.94
N ARG C 136 4.15 4.88 28.03
CA ARG C 136 5.30 5.43 27.32
C ARG C 136 5.34 4.86 25.91
N LEU C 137 5.34 5.75 24.91
CA LEU C 137 5.35 5.36 23.51
C LEU C 137 6.73 5.54 22.87
N PHE C 138 7.43 6.62 23.20
CA PHE C 138 8.72 6.93 22.60
C PHE C 138 9.82 6.71 23.63
N ARG C 139 10.69 5.75 23.37
CA ARG C 139 11.87 5.52 24.20
C ARG C 139 12.99 4.99 23.33
N LYS C 140 14.21 5.44 23.60
CA LYS C 140 15.35 5.09 22.76
C LYS C 140 15.69 3.60 22.87
N SER C 141 15.64 3.05 24.08
CA SER C 141 16.09 1.69 24.32
C SER C 141 15.04 0.91 25.11
N LYS C 142 15.14 -0.41 25.04
CA LYS C 142 14.22 -1.28 25.75
C LYS C 142 14.45 -1.19 27.26
N LEU C 143 13.36 -1.33 28.02
CA LEU C 143 13.44 -1.28 29.47
C LEU C 143 14.09 -2.55 30.01
N LYS C 144 14.91 -2.39 31.04
CA LYS C 144 15.46 -3.53 31.75
C LYS C 144 14.37 -4.19 32.59
N PRO C 145 14.56 -5.46 32.98
CA PRO C 145 13.56 -6.11 33.83
C PRO C 145 13.31 -5.32 35.12
N PHE C 146 12.03 -5.09 35.41
CA PHE C 146 11.57 -4.32 36.56
C PHE C 146 12.10 -2.89 36.58
N GLU C 147 12.49 -2.35 35.42
CA GLU C 147 12.91 -0.96 35.35
C GLU C 147 11.68 -0.04 35.27
N ARG C 148 11.79 1.12 35.91
CA ARG C 148 10.71 2.10 35.93
C ARG C 148 11.23 3.42 35.38
N ASP C 149 10.52 3.99 34.41
CA ASP C 149 10.88 5.25 33.79
C ASP C 149 9.83 6.29 34.12
N ILE C 150 10.26 7.38 34.76
CA ILE C 150 9.37 8.47 35.12
C ILE C 150 9.64 9.71 34.28
N SER C 151 10.84 9.88 33.73
CA SER C 151 11.24 11.11 33.07
C SER C 151 10.27 11.49 31.96
N THR C 152 9.89 12.77 31.94
CA THR C 152 8.99 13.32 30.94
C THR C 152 9.72 14.16 29.90
N GLU C 153 11.03 13.96 29.75
CA GLU C 153 11.81 14.76 28.82
C GLU C 153 11.33 14.55 27.39
N ILE C 154 11.36 15.63 26.60
CA ILE C 154 10.90 15.57 25.23
C ILE C 154 11.78 14.61 24.44
N TYR C 155 11.14 13.68 23.74
CA TYR C 155 11.88 12.68 22.96
C TYR C 155 12.46 13.32 21.71
N GLN C 156 13.77 13.15 21.51
CA GLN C 156 14.47 13.71 20.36
C GLN C 156 14.59 12.61 19.29
N ALA C 157 13.81 12.74 18.23
CA ALA C 157 13.80 11.77 17.14
C ALA C 157 14.60 12.24 15.93
N GLY C 158 15.23 13.41 15.99
CA GLY C 158 15.96 13.92 14.86
C GLY C 158 17.38 14.35 15.21
N SER C 159 18.05 15.01 14.26
CA SER C 159 19.41 15.47 14.51
C SER C 159 19.43 16.66 15.46
N THR C 160 18.52 17.61 15.26
CA THR C 160 18.49 18.79 16.12
C THR C 160 17.86 18.45 17.47
N PRO C 161 18.38 19.02 18.56
CA PRO C 161 17.77 18.77 19.88
C PRO C 161 16.45 19.51 20.06
N CYS C 162 15.79 19.31 21.19
CA CYS C 162 14.47 19.84 21.43
C CYS C 162 14.42 21.01 22.41
N ASN C 163 15.31 21.03 23.40
CA ASN C 163 15.34 22.08 24.42
C ASN C 163 13.99 22.17 25.15
N GLY C 164 13.36 21.02 25.37
CA GLY C 164 12.11 20.97 26.10
C GLY C 164 10.91 21.47 25.35
N GLN C 165 11.03 21.79 24.07
CA GLN C 165 9.94 22.33 23.27
C GLN C 165 9.41 21.24 22.35
N VAL C 166 8.10 21.01 22.44
CA VAL C 166 7.45 20.03 21.57
C VAL C 166 7.31 20.60 20.17
N GLY C 167 7.44 19.74 19.16
CA GLY C 167 7.35 20.19 17.78
C GLY C 167 7.87 19.19 16.78
N LEU C 168 8.55 19.68 15.75
CA LEU C 168 9.07 18.82 14.69
C LEU C 168 10.12 17.87 15.24
N ASN C 169 9.86 16.56 15.14
CA ASN C 169 10.77 15.52 15.62
C ASN C 169 11.04 15.65 17.11
N CYS C 170 10.09 16.21 17.86
CA CYS C 170 10.20 16.40 19.29
C CYS C 170 8.83 16.18 19.90
N TYR C 171 8.64 15.03 20.54
CA TYR C 171 7.33 14.59 21.00
C TYR C 171 7.37 14.18 22.46
N TYR C 172 6.23 14.36 23.13
CA TYR C 172 6.09 13.91 24.51
C TYR C 172 6.13 12.38 24.56
N PRO C 173 7.02 11.78 25.35
CA PRO C 173 7.11 10.31 25.38
C PRO C 173 5.86 9.63 25.92
N LEU C 174 5.04 10.33 26.68
CA LEU C 174 3.85 9.75 27.30
C LEU C 174 2.62 10.14 26.49
N GLU C 175 1.76 9.16 26.23
CA GLU C 175 0.51 9.37 25.51
C GLU C 175 -0.67 8.95 26.39
N ARG C 176 -1.74 9.73 26.35
CA ARG C 176 -2.92 9.45 27.15
C ARG C 176 -3.70 8.28 26.57
N TYR C 177 -4.13 7.38 27.44
CA TYR C 177 -5.10 6.37 27.05
C TYR C 177 -6.46 7.01 26.82
N PRO C 181 -16.10 4.89 28.06
CA PRO C 181 -16.81 3.62 27.87
C PRO C 181 -17.47 3.51 26.51
N THR C 182 -18.26 2.46 26.32
CA THR C 182 -18.99 2.21 25.07
C THR C 182 -18.04 2.03 23.89
N THR C 183 -16.86 1.47 24.14
CA THR C 183 -15.91 1.11 23.10
C THR C 183 -15.68 -0.41 23.18
N GLY C 184 -14.74 -0.89 22.37
CA GLY C 184 -14.32 -2.27 22.47
C GLY C 184 -13.70 -2.54 23.83
N VAL C 185 -14.10 -3.65 24.46
CA VAL C 185 -13.57 -4.00 25.77
C VAL C 185 -12.07 -4.27 25.71
N ASN C 186 -11.56 -4.64 24.53
CA ASN C 186 -10.12 -4.88 24.38
C ASN C 186 -9.33 -3.59 24.62
N TYR C 187 -9.87 -2.46 24.20
CA TYR C 187 -9.23 -1.17 24.43
C TYR C 187 -9.67 -0.50 25.72
N GLN C 188 -10.65 -1.08 26.42
CA GLN C 188 -11.01 -0.59 27.74
C GLN C 188 -9.96 -1.05 28.76
N PRO C 189 -9.71 -0.26 29.80
CA PRO C 189 -8.62 -0.57 30.72
C PRO C 189 -8.83 -1.90 31.45
N PHE C 190 -7.72 -2.62 31.63
CA PHE C 190 -7.69 -3.87 32.40
C PHE C 190 -6.66 -3.68 33.51
N ARG C 191 -7.12 -3.57 34.76
CA ARG C 191 -6.21 -3.44 35.88
C ARG C 191 -5.42 -4.74 36.04
N VAL C 192 -4.10 -4.63 36.12
CA VAL C 192 -3.21 -5.78 36.14
C VAL C 192 -2.42 -5.76 37.45
N VAL C 193 -2.44 -6.89 38.17
CA VAL C 193 -1.68 -7.06 39.40
C VAL C 193 -0.69 -8.20 39.20
N VAL C 194 0.58 -7.93 39.47
CA VAL C 194 1.65 -8.90 39.29
C VAL C 194 2.34 -9.12 40.64
N LEU C 195 2.53 -10.38 41.00
CA LEU C 195 3.20 -10.75 42.24
C LEU C 195 4.56 -11.37 41.92
N SER C 196 5.62 -10.79 42.47
CA SER C 196 6.97 -11.26 42.26
C SER C 196 7.48 -11.92 43.55
N PHE C 197 8.00 -13.13 43.42
CA PHE C 197 8.49 -13.89 44.56
C PHE C 197 10.02 -13.86 44.58
N GLU C 198 10.57 -13.52 45.73
CA GLU C 198 12.01 -13.43 45.92
C GLU C 198 12.47 -14.52 46.89
N LEU C 199 13.45 -15.31 46.48
CA LEU C 199 13.97 -16.41 47.28
C LEU C 199 15.50 -16.37 47.25
N LEU C 200 16.10 -15.95 48.36
CA LEU C 200 17.54 -16.01 48.55
C LEU C 200 17.85 -16.94 49.72
N ASN C 201 19.14 -17.06 50.04
CA ASN C 201 19.59 -17.98 51.08
C ASN C 201 19.55 -17.27 52.43
N GLY C 202 18.33 -17.14 52.95
CA GLY C 202 18.10 -16.52 54.24
C GLY C 202 16.71 -16.78 54.74
N PRO C 203 16.43 -16.41 55.98
CA PRO C 203 15.10 -16.66 56.55
C PRO C 203 14.01 -15.99 55.72
N ALA C 204 12.91 -16.70 55.55
CA ALA C 204 11.78 -16.21 54.77
C ALA C 204 10.86 -15.36 55.63
N THR C 205 9.99 -14.60 54.96
CA THR C 205 9.04 -13.72 55.63
C THR C 205 7.59 -14.03 55.31
N VAL C 206 7.30 -14.71 54.21
CA VAL C 206 5.93 -15.14 53.94
C VAL C 206 5.49 -16.14 55.00
#